data_3OJ4
#
_entry.id   3OJ4
#
_cell.length_a   102.646
_cell.length_b   102.646
_cell.length_c   112.686
_cell.angle_alpha   90.00
_cell.angle_beta   90.00
_cell.angle_gamma   120.00
#
_symmetry.space_group_name_H-M   'P 3 2 1'
#
loop_
_entity.id
_entity.type
_entity.pdbx_description
1 polymer 'Ubiquitin-conjugating enzyme E2 D1'
2 polymer Ubiquitin
3 polymer 'Tumor necrosis factor alpha-induced protein 3'
4 non-polymer 'ZINC ION'
#
loop_
_entity_poly.entity_id
_entity_poly.type
_entity_poly.pdbx_seq_one_letter_code
_entity_poly.pdbx_strand_id
1 'polypeptide(L)'
;GSHMLEMALKRIQKELSDLQRDPPAHCSAGPVGDDLFHWQATIMGPPDSAYQGGVFFLTVHFPTDYPFKPPKIAFTTKIY
HPNINSNGSICLDILRSQWSPALTVSKVLLSICSLLCDPNPDDPLVPDIAQIYKSDKEKYNRHAREWTQKYAM
;
A,D
2 'polypeptide(L)' GSHMQIFVKTLTGKTITLEVEPSDTIENVKAKIQDKEGIPPDQQRLIFAGKQLEDGRTLSDYNIQKESTLHLVLRLRGG B,E
3 'polypeptide(L)' GSPEFSQAARTPGDRTGTSKCRKAGCVYFGTPENKGFCTLCFIEYRENK C,F
#
# COMPACT_ATOMS: atom_id res chain seq x y z
N MET A 7 -6.92 -8.72 -34.60
CA MET A 7 -5.55 -9.30 -34.49
C MET A 7 -4.54 -8.22 -34.12
N ALA A 8 -4.68 -7.05 -34.74
CA ALA A 8 -3.82 -5.90 -34.46
C ALA A 8 -4.11 -5.32 -33.09
N LEU A 9 -5.38 -5.38 -32.69
CA LEU A 9 -5.82 -4.93 -31.38
C LEU A 9 -5.09 -5.68 -30.28
N LYS A 10 -4.85 -6.98 -30.50
CA LYS A 10 -4.12 -7.81 -29.55
C LYS A 10 -2.65 -7.41 -29.49
N ARG A 11 -2.04 -7.26 -30.66
CA ARG A 11 -0.63 -6.90 -30.78
C ARG A 11 -0.32 -5.59 -30.07
N ILE A 12 -1.09 -4.56 -30.41
CA ILE A 12 -0.96 -3.24 -29.81
C ILE A 12 -1.07 -3.31 -28.29
N GLN A 13 -2.07 -4.03 -27.81
CA GLN A 13 -2.24 -4.25 -26.38
C GLN A 13 -0.99 -4.89 -25.76
N LYS A 14 -0.49 -5.94 -26.41
CA LYS A 14 0.69 -6.66 -25.93
C LYS A 14 1.84 -5.68 -25.71
N GLU A 15 2.13 -4.86 -26.73
CA GLU A 15 3.19 -3.87 -26.68
C GLU A 15 2.98 -2.88 -25.53
N LEU A 16 1.72 -2.50 -25.31
CA LEU A 16 1.33 -1.56 -24.26
C LEU A 16 1.54 -2.14 -22.85
N SER A 17 1.31 -3.44 -22.71
CA SER A 17 1.58 -4.16 -21.46
C SER A 17 3.06 -4.11 -21.14
N ASP A 18 3.88 -4.35 -22.16
CA ASP A 18 5.33 -4.35 -22.02
C ASP A 18 5.87 -3.02 -21.53
N LEU A 19 5.36 -1.93 -22.11
CA LEU A 19 5.81 -0.58 -21.76
C LEU A 19 5.41 -0.19 -20.34
N GLN A 20 4.48 -0.94 -19.77
CA GLN A 20 4.11 -0.79 -18.37
C GLN A 20 5.03 -1.65 -17.52
N ARG A 21 5.55 -2.73 -18.11
CA ARG A 21 6.39 -3.68 -17.39
C ARG A 21 7.87 -3.27 -17.38
N ASP A 22 8.39 -2.90 -18.55
CA ASP A 22 9.72 -2.30 -18.64
C ASP A 22 9.70 -1.03 -19.51
N PRO A 23 9.44 0.13 -18.88
CA PRO A 23 9.52 1.41 -19.59
C PRO A 23 10.97 1.83 -19.89
N PRO A 24 11.28 2.13 -21.17
CA PRO A 24 12.62 2.40 -21.70
C PRO A 24 13.32 3.71 -21.28
N ALA A 25 13.08 4.16 -20.05
CA ALA A 25 13.94 5.19 -19.40
C ALA A 25 13.83 6.64 -19.92
N HIS A 26 13.51 6.81 -21.21
CA HIS A 26 13.50 8.13 -21.85
C HIS A 26 12.36 8.31 -22.85
N CYS A 27 11.67 7.20 -23.10
CA CYS A 27 10.58 7.16 -24.06
C CYS A 27 9.33 6.72 -23.33
N SER A 28 8.20 7.34 -23.66
CA SER A 28 6.91 6.94 -23.13
C SER A 28 5.89 6.97 -24.25
N ALA A 29 5.05 5.93 -24.32
CA ALA A 29 4.05 5.79 -25.37
C ALA A 29 2.76 5.27 -24.78
N GLY A 30 1.64 5.64 -25.41
CA GLY A 30 0.31 5.26 -24.92
C GLY A 30 -0.81 5.89 -25.70
N PRO A 31 -2.06 5.44 -25.48
CA PRO A 31 -3.20 5.84 -26.29
C PRO A 31 -3.67 7.28 -26.07
N VAL A 32 -4.25 7.86 -27.12
CA VAL A 32 -4.93 9.13 -27.06
C VAL A 32 -6.41 8.82 -26.78
N GLY A 33 -6.89 9.20 -25.61
CA GLY A 33 -8.23 8.84 -25.16
C GLY A 33 -8.30 7.34 -24.87
N ASP A 34 -9.41 6.71 -25.26
CA ASP A 34 -9.52 5.26 -25.10
C ASP A 34 -9.22 4.51 -26.39
N ASP A 35 -8.80 5.25 -27.42
CA ASP A 35 -8.53 4.67 -28.73
C ASP A 35 -7.12 4.09 -28.77
N LEU A 36 -7.03 2.77 -28.91
CA LEU A 36 -5.73 2.07 -28.93
C LEU A 36 -4.97 2.18 -30.26
N PHE A 37 -5.68 2.49 -31.34
CA PHE A 37 -5.06 2.58 -32.66
C PHE A 37 -4.25 3.86 -32.88
N HIS A 38 -4.65 4.96 -32.23
CA HIS A 38 -3.84 6.18 -32.22
C HIS A 38 -3.16 6.33 -30.86
N TRP A 39 -1.84 6.55 -30.90
CA TRP A 39 -1.03 6.65 -29.70
C TRP A 39 -0.23 7.94 -29.72
N GLN A 40 0.09 8.44 -28.53
CA GLN A 40 1.02 9.56 -28.40
C GLN A 40 2.26 9.12 -27.62
N ALA A 41 3.41 9.65 -28.01
CA ALA A 41 4.67 9.22 -27.42
C ALA A 41 5.67 10.36 -27.28
N THR A 42 6.59 10.23 -26.33
CA THR A 42 7.63 11.24 -26.10
C THR A 42 9.03 10.65 -26.15
N ILE A 43 9.99 11.45 -26.60
CA ILE A 43 11.41 11.11 -26.51
C ILE A 43 12.10 12.18 -25.69
N MET A 44 12.65 11.77 -24.55
CA MET A 44 13.52 12.63 -23.76
C MET A 44 14.78 12.88 -24.57
N GLY A 45 15.22 14.13 -24.61
CA GLY A 45 16.43 14.51 -25.33
C GLY A 45 17.66 13.83 -24.75
N PRO A 46 18.46 13.18 -25.61
CA PRO A 46 19.61 12.37 -25.20
C PRO A 46 20.75 13.21 -24.61
N PRO A 47 21.30 12.80 -23.45
CA PRO A 47 22.51 13.42 -22.90
C PRO A 47 23.70 13.35 -23.86
N ASP A 48 24.53 14.40 -23.84
CA ASP A 48 25.67 14.59 -24.74
C ASP A 48 25.30 14.81 -26.22
N SER A 49 24.02 15.09 -26.46
CA SER A 49 23.53 15.47 -27.77
C SER A 49 22.95 16.89 -27.69
N ALA A 50 22.96 17.61 -28.81
CA ALA A 50 22.48 18.99 -28.85
C ALA A 50 21.03 19.17 -28.39
N TYR A 51 20.28 18.07 -28.34
CA TYR A 51 18.87 18.09 -27.97
C TYR A 51 18.62 17.74 -26.50
N GLN A 52 19.71 17.69 -25.73
CA GLN A 52 19.70 17.35 -24.30
C GLN A 52 18.72 18.17 -23.47
N GLY A 53 18.05 17.52 -22.52
CA GLY A 53 17.14 18.19 -21.60
C GLY A 53 15.75 18.40 -22.16
N GLY A 54 15.68 18.72 -23.45
CA GLY A 54 14.40 18.89 -24.13
C GLY A 54 13.59 17.62 -24.22
N VAL A 55 12.28 17.77 -24.27
CA VAL A 55 11.35 16.65 -24.40
C VAL A 55 10.58 16.83 -25.70
N PHE A 56 10.43 15.74 -26.44
CA PHE A 56 9.91 15.84 -27.79
C PHE A 56 8.69 14.95 -28.01
N PHE A 57 7.55 15.60 -28.29
CA PHE A 57 6.27 14.91 -28.45
C PHE A 57 6.07 14.39 -29.88
N LEU A 58 5.64 13.14 -29.99
CA LEU A 58 5.40 12.50 -31.28
C LEU A 58 3.97 11.96 -31.38
N THR A 59 3.61 11.52 -32.58
CA THR A 59 2.30 10.95 -32.83
C THR A 59 2.41 9.68 -33.68
N VAL A 60 1.86 8.59 -33.15
CA VAL A 60 1.94 7.30 -33.81
C VAL A 60 0.56 6.68 -34.08
N HIS A 61 0.27 6.45 -35.37
CA HIS A 61 -0.92 5.73 -35.81
C HIS A 61 -0.54 4.36 -36.35
N PHE A 62 -1.20 3.32 -35.85
CA PHE A 62 -1.00 1.96 -36.33
C PHE A 62 -1.93 1.68 -37.51
N PRO A 63 -1.38 1.09 -38.60
CA PRO A 63 -2.26 0.63 -39.68
C PRO A 63 -3.10 -0.53 -39.20
N THR A 64 -4.29 -0.71 -39.75
CA THR A 64 -5.13 -1.84 -39.36
C THR A 64 -4.47 -3.23 -39.56
N ASP A 65 -3.55 -3.32 -40.52
CA ASP A 65 -2.80 -4.56 -40.73
C ASP A 65 -1.44 -4.59 -40.02
N TYR A 66 -1.37 -3.91 -38.87
CA TYR A 66 -0.21 -3.98 -37.98
C TYR A 66 -0.18 -5.36 -37.33
N PRO A 67 1.02 -5.93 -37.08
CA PRO A 67 2.37 -5.42 -37.17
C PRO A 67 3.03 -5.60 -38.53
N PHE A 68 2.26 -5.99 -39.53
CA PHE A 68 2.82 -6.31 -40.83
C PHE A 68 3.19 -5.07 -41.63
N LYS A 69 2.37 -4.03 -41.54
CA LYS A 69 2.76 -2.70 -42.02
C LYS A 69 3.27 -1.87 -40.85
N PRO A 70 4.28 -1.02 -41.09
CA PRO A 70 4.86 -0.24 -40.02
C PRO A 70 3.90 0.87 -39.53
N PRO A 71 4.09 1.34 -38.27
CA PRO A 71 3.31 2.47 -37.75
C PRO A 71 3.71 3.79 -38.42
N LYS A 72 2.79 4.75 -38.46
CA LYS A 72 3.09 6.06 -39.00
C LYS A 72 3.37 7.02 -37.87
N ILE A 73 4.65 7.42 -37.76
CA ILE A 73 5.15 8.23 -36.64
C ILE A 73 5.66 9.60 -37.09
N ALA A 74 5.13 10.65 -36.48
CA ALA A 74 5.57 12.02 -36.75
C ALA A 74 5.91 12.78 -35.47
N PHE A 75 6.77 13.80 -35.59
CA PHE A 75 7.05 14.71 -34.48
C PHE A 75 5.97 15.78 -34.40
N THR A 76 5.42 16.00 -33.22
CA THR A 76 4.58 17.17 -33.05
C THR A 76 5.42 18.35 -32.58
N THR A 77 6.59 18.09 -32.00
CA THR A 77 7.49 19.15 -31.53
C THR A 77 8.55 19.50 -32.58
N LYS A 78 8.84 20.79 -32.72
CA LYS A 78 9.79 21.25 -33.73
C LYS A 78 11.23 21.02 -33.35
N ILE A 79 12.00 20.62 -34.34
CA ILE A 79 13.37 20.14 -34.13
C ILE A 79 14.30 20.49 -35.31
N TYR A 80 15.49 20.99 -34.97
CA TYR A 80 16.53 21.29 -35.96
C TYR A 80 17.31 20.01 -36.22
N HIS A 81 16.84 19.25 -37.20
CA HIS A 81 17.47 17.99 -37.52
C HIS A 81 17.36 17.80 -39.03
N PRO A 82 18.42 17.24 -39.66
CA PRO A 82 18.43 17.06 -41.11
C PRO A 82 17.42 16.04 -41.57
N ASN A 83 17.05 15.13 -40.68
CA ASN A 83 16.18 14.01 -41.04
C ASN A 83 14.72 14.17 -40.59
N ILE A 84 14.41 15.26 -39.92
CA ILE A 84 13.05 15.55 -39.50
C ILE A 84 12.64 16.89 -40.07
N ASN A 85 11.63 16.89 -40.94
CA ASN A 85 11.21 18.12 -41.61
C ASN A 85 10.17 18.91 -40.83
N SER A 86 9.76 20.04 -41.39
CA SER A 86 8.81 20.95 -40.76
C SER A 86 7.42 20.30 -40.55
N ASN A 87 7.08 19.35 -41.41
CA ASN A 87 5.85 18.58 -41.24
C ASN A 87 5.95 17.47 -40.19
N GLY A 88 7.10 17.42 -39.51
CA GLY A 88 7.34 16.43 -38.48
C GLY A 88 7.53 15.02 -39.01
N SER A 89 7.74 14.90 -40.32
CA SER A 89 7.99 13.61 -40.95
C SER A 89 9.38 13.09 -40.59
N ILE A 90 9.46 11.79 -40.32
CA ILE A 90 10.72 11.14 -39.96
C ILE A 90 11.24 10.28 -41.11
N CYS A 91 12.42 10.62 -41.61
CA CYS A 91 13.06 9.81 -42.63
C CYS A 91 13.90 8.74 -41.94
N LEU A 92 13.28 7.59 -41.74
CA LEU A 92 13.95 6.44 -41.14
C LEU A 92 13.59 5.21 -41.97
N ASP A 93 14.59 4.37 -42.24
CA ASP A 93 14.40 3.23 -43.13
C ASP A 93 13.62 2.10 -42.48
N ILE A 94 13.72 1.98 -41.16
CA ILE A 94 12.97 0.96 -40.43
C ILE A 94 11.48 1.31 -40.32
N LEU A 95 11.13 2.54 -40.70
CA LEU A 95 9.73 2.95 -40.84
C LEU A 95 9.21 2.86 -42.28
N ARG A 96 10.10 2.52 -43.21
CA ARG A 96 9.73 2.35 -44.61
C ARG A 96 9.95 0.92 -45.06
N SER A 97 11.13 0.63 -45.60
CA SER A 97 11.41 -0.64 -46.28
C SER A 97 12.03 -1.72 -45.38
N GLN A 98 12.80 -1.28 -44.39
CA GLN A 98 13.51 -2.20 -43.49
C GLN A 98 12.67 -2.63 -42.28
N TRP A 99 11.40 -2.24 -42.27
CA TRP A 99 10.49 -2.65 -41.20
C TRP A 99 10.31 -4.17 -41.16
N SER A 100 10.13 -4.67 -39.95
CA SER A 100 9.91 -6.09 -39.68
C SER A 100 8.89 -6.18 -38.53
N PRO A 101 7.87 -7.03 -38.66
CA PRO A 101 6.86 -7.18 -37.60
C PRO A 101 7.42 -7.67 -36.26
N ALA A 102 8.72 -7.96 -36.22
CA ALA A 102 9.39 -8.32 -34.98
C ALA A 102 9.75 -7.07 -34.14
N LEU A 103 9.82 -5.92 -34.79
CA LEU A 103 10.08 -4.66 -34.10
C LEU A 103 8.83 -4.13 -33.41
N THR A 104 9.05 -3.41 -32.30
CA THR A 104 7.98 -2.82 -31.51
C THR A 104 8.06 -1.31 -31.59
N VAL A 105 7.13 -0.60 -30.94
CA VAL A 105 7.17 0.87 -30.90
C VAL A 105 8.27 1.35 -29.95
N SER A 106 8.49 0.58 -28.88
CA SER A 106 9.61 0.78 -27.98
C SER A 106 10.89 0.83 -28.80
N LYS A 107 11.13 -0.21 -29.59
CA LYS A 107 12.34 -0.36 -30.39
C LYS A 107 12.53 0.77 -31.40
N VAL A 108 11.45 1.17 -32.06
CA VAL A 108 11.52 2.24 -33.06
C VAL A 108 11.86 3.56 -32.37
N LEU A 109 11.17 3.86 -31.27
CA LEU A 109 11.40 5.11 -30.55
C LEU A 109 12.85 5.28 -30.14
N LEU A 110 13.49 4.20 -29.71
CA LEU A 110 14.92 4.22 -29.38
C LEU A 110 15.79 4.53 -30.59
N SER A 111 15.39 4.02 -31.76
CA SER A 111 16.13 4.23 -33.00
C SER A 111 16.00 5.68 -33.46
N ILE A 112 14.83 6.27 -33.20
CA ILE A 112 14.58 7.66 -33.52
C ILE A 112 15.42 8.54 -32.60
N CYS A 113 15.62 8.04 -31.38
CA CYS A 113 16.46 8.70 -30.40
C CYS A 113 17.92 8.62 -30.84
N SER A 114 18.34 7.43 -31.27
CA SER A 114 19.66 7.22 -31.85
C SER A 114 19.88 8.15 -33.05
N LEU A 115 18.83 8.36 -33.82
CA LEU A 115 18.89 9.23 -34.99
C LEU A 115 19.19 10.66 -34.57
N LEU A 116 18.65 11.07 -33.43
CA LEU A 116 19.01 12.38 -32.89
C LEU A 116 20.48 12.38 -32.49
N CYS A 117 20.95 11.25 -31.97
CA CYS A 117 22.36 11.12 -31.55
C CYS A 117 23.34 11.14 -32.72
N ASP A 118 22.97 10.48 -33.81
CA ASP A 118 23.86 10.32 -34.98
C ASP A 118 23.07 10.45 -36.28
N PRO A 119 22.85 11.70 -36.74
CA PRO A 119 22.02 12.02 -37.92
C PRO A 119 22.55 11.42 -39.22
N ASN A 120 21.63 10.99 -40.08
CA ASN A 120 21.98 10.48 -41.40
C ASN A 120 22.17 11.62 -42.39
N PRO A 121 23.44 11.95 -42.68
CA PRO A 121 23.70 13.16 -43.47
C PRO A 121 23.54 12.93 -44.97
N ASP A 122 23.39 11.67 -45.36
CA ASP A 122 23.31 11.29 -46.77
C ASP A 122 21.90 10.92 -47.20
N ASP A 123 20.94 11.05 -46.27
CA ASP A 123 19.52 10.88 -46.57
C ASP A 123 18.71 12.02 -45.94
N PRO A 124 18.89 13.25 -46.47
CA PRO A 124 18.42 14.47 -45.82
C PRO A 124 17.04 14.94 -46.28
N LEU A 125 16.09 14.97 -45.36
CA LEU A 125 14.79 15.58 -45.64
C LEU A 125 14.96 17.09 -45.86
N VAL A 126 15.72 17.73 -44.97
CA VAL A 126 16.05 19.15 -45.13
C VAL A 126 17.56 19.33 -45.34
N PRO A 127 18.01 19.27 -46.61
CA PRO A 127 19.43 19.33 -47.01
C PRO A 127 20.20 20.51 -46.46
N ASP A 128 19.54 21.67 -46.33
CA ASP A 128 20.15 22.85 -45.71
C ASP A 128 20.80 22.51 -44.38
N ILE A 129 20.06 21.77 -43.56
CA ILE A 129 20.48 21.39 -42.24
C ILE A 129 21.57 20.31 -42.30
N ALA A 130 21.45 19.39 -43.26
CA ALA A 130 22.45 18.33 -43.44
C ALA A 130 23.77 18.88 -43.92
N GLN A 131 23.71 19.94 -44.74
CA GLN A 131 24.91 20.61 -45.23
C GLN A 131 25.71 21.19 -44.07
N ILE A 132 25.01 21.76 -43.09
CA ILE A 132 25.66 22.28 -41.90
C ILE A 132 26.29 21.14 -41.08
N TYR A 133 25.61 20.00 -40.98
CA TYR A 133 26.10 18.85 -40.20
C TYR A 133 27.38 18.21 -40.77
N LYS A 134 27.69 18.51 -42.03
CA LYS A 134 28.96 18.13 -42.62
C LYS A 134 29.95 19.28 -42.55
N SER A 135 29.56 20.42 -43.10
CA SER A 135 30.46 21.55 -43.32
C SER A 135 30.80 22.34 -42.05
N ASP A 136 29.88 22.35 -41.10
CA ASP A 136 30.03 23.15 -39.89
C ASP A 136 29.38 22.45 -38.71
N LYS A 137 30.04 21.39 -38.24
CA LYS A 137 29.51 20.52 -37.18
C LYS A 137 29.03 21.29 -35.97
N GLU A 138 29.75 22.35 -35.61
CA GLU A 138 29.45 23.13 -34.42
C GLU A 138 28.32 24.13 -34.58
N LYS A 139 28.23 24.75 -35.76
CA LYS A 139 27.10 25.64 -36.08
C LYS A 139 25.79 24.86 -36.05
N TYR A 140 25.88 23.57 -36.37
CA TYR A 140 24.76 22.66 -36.22
C TYR A 140 24.43 22.51 -34.74
N ASN A 141 25.42 22.10 -33.95
CA ASN A 141 25.30 21.97 -32.49
C ASN A 141 24.80 23.24 -31.83
N ARG A 142 25.16 24.39 -32.41
CA ARG A 142 24.70 25.67 -31.93
C ARG A 142 23.23 25.87 -32.26
N HIS A 143 22.86 25.66 -33.52
CA HIS A 143 21.48 25.87 -33.96
C HIS A 143 20.47 24.90 -33.36
N ALA A 144 20.90 23.65 -33.16
CA ALA A 144 20.02 22.64 -32.59
C ALA A 144 19.67 22.95 -31.13
N ARG A 145 20.63 23.51 -30.39
CA ARG A 145 20.46 23.88 -28.97
C ARG A 145 19.41 24.97 -28.76
N GLU A 146 19.45 26.01 -29.60
CA GLU A 146 18.42 27.04 -29.62
C GLU A 146 17.06 26.38 -29.86
N TRP A 147 17.04 25.51 -30.85
CA TRP A 147 15.83 24.80 -31.25
C TRP A 147 15.33 23.81 -30.18
N THR A 148 16.22 23.37 -29.30
CA THR A 148 15.83 22.53 -28.17
C THR A 148 15.23 23.40 -27.07
N GLN A 149 15.82 24.58 -26.87
CA GLN A 149 15.43 25.45 -25.77
C GLN A 149 14.14 26.22 -26.02
N LYS A 150 13.99 26.76 -27.22
CA LYS A 150 12.77 27.48 -27.54
C LYS A 150 11.57 26.54 -27.62
N TYR A 151 11.78 25.35 -28.22
CA TYR A 151 10.66 24.47 -28.59
C TYR A 151 10.37 23.31 -27.63
N ALA A 152 11.40 22.82 -26.93
CA ALA A 152 11.29 21.60 -26.14
C ALA A 152 11.31 21.82 -24.63
N MET A 153 11.86 22.95 -24.18
CA MET A 153 11.86 23.25 -22.76
C MET A 153 10.46 23.61 -22.27
N MET B 4 -2.67 2.73 -3.24
CA MET B 4 -2.07 2.01 -4.41
C MET B 4 -0.64 2.45 -4.75
N GLN B 5 0.02 1.67 -5.60
CA GLN B 5 1.46 1.75 -5.86
C GLN B 5 1.77 2.14 -7.30
N ILE B 6 2.77 3.00 -7.48
CA ILE B 6 3.27 3.38 -8.82
C ILE B 6 4.80 3.44 -8.91
N PHE B 7 5.30 3.55 -10.14
CA PHE B 7 6.73 3.63 -10.41
C PHE B 7 7.09 4.93 -11.12
N VAL B 8 8.15 5.59 -10.64
CA VAL B 8 8.66 6.80 -11.27
C VAL B 8 10.08 6.54 -11.76
N LYS B 9 10.28 6.64 -13.08
CA LYS B 9 11.58 6.32 -13.70
C LYS B 9 12.29 7.57 -14.22
N THR B 10 13.42 7.91 -13.60
CA THR B 10 14.25 9.04 -14.03
C THR B 10 15.15 8.64 -15.20
N LEU B 11 15.79 9.64 -15.82
CA LEU B 11 16.66 9.40 -16.96
C LEU B 11 17.97 8.71 -16.54
N THR B 12 18.28 8.75 -15.25
CA THR B 12 19.49 8.13 -14.68
C THR B 12 19.43 6.60 -14.71
N GLY B 13 18.23 6.05 -14.61
CA GLY B 13 18.02 4.60 -14.62
C GLY B 13 17.25 4.09 -13.41
N LYS B 14 17.47 4.75 -12.28
CA LYS B 14 16.82 4.37 -11.02
C LYS B 14 15.30 4.59 -11.05
N THR B 15 14.57 3.59 -10.57
CA THR B 15 13.12 3.62 -10.51
C THR B 15 12.69 3.80 -9.05
N ILE B 16 11.91 4.85 -8.81
CA ILE B 16 11.43 5.16 -7.46
C ILE B 16 10.01 4.64 -7.33
N THR B 17 9.71 4.04 -6.19
CA THR B 17 8.38 3.49 -5.94
C THR B 17 7.57 4.39 -5.01
N LEU B 18 6.34 4.72 -5.42
CA LEU B 18 5.51 5.70 -4.71
C LEU B 18 4.11 5.20 -4.38
N GLU B 19 3.70 5.45 -3.13
CA GLU B 19 2.37 5.11 -2.64
C GLU B 19 1.41 6.27 -2.90
N VAL B 20 0.44 6.07 -3.79
CA VAL B 20 -0.47 7.14 -4.19
C VAL B 20 -1.95 6.75 -4.18
N GLU B 21 -2.80 7.72 -4.47
CA GLU B 21 -4.24 7.52 -4.63
C GLU B 21 -4.74 8.13 -5.95
N PRO B 22 -5.88 7.65 -6.48
CA PRO B 22 -6.39 8.18 -7.75
C PRO B 22 -6.78 9.66 -7.72
N SER B 23 -7.14 10.17 -6.55
CA SER B 23 -7.60 11.56 -6.41
C SER B 23 -6.47 12.55 -6.12
N ASP B 24 -5.24 12.06 -6.04
CA ASP B 24 -4.07 12.90 -5.84
C ASP B 24 -3.76 13.77 -7.05
N THR B 25 -3.34 15.01 -6.78
CA THR B 25 -2.98 15.96 -7.83
C THR B 25 -1.49 15.87 -8.18
N ILE B 26 -1.07 16.62 -9.20
CA ILE B 26 0.34 16.67 -9.60
C ILE B 26 1.22 17.30 -8.51
N GLU B 27 0.73 18.40 -7.95
CA GLU B 27 1.40 19.08 -6.83
C GLU B 27 1.63 18.12 -5.69
N ASN B 28 0.63 17.29 -5.40
CA ASN B 28 0.76 16.21 -4.43
C ASN B 28 1.88 15.24 -4.79
N VAL B 29 1.96 14.87 -6.06
CA VAL B 29 2.97 13.92 -6.56
C VAL B 29 4.38 14.53 -6.53
N LYS B 30 4.54 15.72 -7.12
CA LYS B 30 5.82 16.43 -7.12
C LYS B 30 6.34 16.70 -5.72
N ALA B 31 5.42 16.78 -4.76
CA ALA B 31 5.77 16.91 -3.35
C ALA B 31 6.21 15.57 -2.77
N LYS B 32 5.62 14.48 -3.29
CA LYS B 32 5.89 13.14 -2.78
C LYS B 32 7.27 12.61 -3.15
N ILE B 33 7.77 13.01 -4.31
CA ILE B 33 9.13 12.65 -4.74
C ILE B 33 10.19 13.49 -4.01
N GLN B 34 9.80 14.69 -3.55
CA GLN B 34 10.66 15.51 -2.69
C GLN B 34 10.92 14.80 -1.36
N ASP B 35 9.92 14.05 -0.90
CA ASP B 35 10.03 13.25 0.33
C ASP B 35 10.97 12.06 0.17
N LYS B 36 10.99 11.48 -1.03
CA LYS B 36 11.79 10.29 -1.30
C LYS B 36 13.23 10.61 -1.71
N GLU B 37 13.37 11.49 -2.71
CA GLU B 37 14.67 11.78 -3.31
C GLU B 37 15.23 13.14 -2.89
N GLY B 38 14.37 14.17 -2.91
CA GLY B 38 14.77 15.53 -2.54
C GLY B 38 14.90 16.46 -3.73
N ILE B 39 13.91 16.40 -4.61
CA ILE B 39 13.87 17.22 -5.82
C ILE B 39 12.69 18.18 -5.73
N PRO B 40 12.93 19.42 -5.27
CA PRO B 40 11.92 20.48 -5.19
C PRO B 40 10.95 20.49 -6.38
N PRO B 41 9.63 20.59 -6.10
CA PRO B 41 8.53 20.38 -7.07
C PRO B 41 8.61 21.23 -8.34
N ASP B 42 9.20 22.42 -8.23
CA ASP B 42 9.32 23.35 -9.37
C ASP B 42 10.29 22.87 -10.46
N GLN B 43 11.22 22.00 -10.07
CA GLN B 43 12.23 21.47 -10.98
C GLN B 43 11.92 20.10 -11.56
N GLN B 44 10.71 19.60 -11.29
CA GLN B 44 10.26 18.32 -11.83
C GLN B 44 9.48 18.52 -13.11
N ARG B 45 9.64 17.58 -14.04
CA ARG B 45 8.79 17.47 -15.23
C ARG B 45 8.30 16.03 -15.37
N LEU B 46 7.00 15.82 -15.18
CA LEU B 46 6.44 14.48 -15.19
C LEU B 46 5.74 14.15 -16.51
N ILE B 47 6.00 12.95 -17.02
CA ILE B 47 5.30 12.45 -18.21
C ILE B 47 4.61 11.11 -17.90
N PHE B 48 3.51 10.83 -18.60
CA PHE B 48 2.90 9.50 -18.54
C PHE B 48 2.49 9.05 -19.94
N ALA B 49 3.05 7.93 -20.37
CA ALA B 49 2.67 7.27 -21.64
C ALA B 49 2.48 8.21 -22.83
N GLY B 50 3.26 9.28 -22.89
CA GLY B 50 3.23 10.20 -24.03
C GLY B 50 2.60 11.54 -23.79
N LYS B 51 2.09 11.75 -22.57
CA LYS B 51 1.42 13.00 -22.23
C LYS B 51 2.05 13.72 -21.03
N GLN B 52 2.38 14.99 -21.21
CA GLN B 52 2.89 15.81 -20.11
C GLN B 52 1.78 16.09 -19.13
N LEU B 53 2.05 15.82 -17.86
CA LEU B 53 1.10 16.08 -16.78
C LEU B 53 1.05 17.54 -16.42
N GLU B 54 -0.16 18.06 -16.24
CA GLU B 54 -0.37 19.47 -15.93
C GLU B 54 -0.82 19.61 -14.48
N ASP B 55 -0.05 20.37 -13.70
CA ASP B 55 -0.42 20.73 -12.33
C ASP B 55 -1.85 21.24 -12.28
N GLY B 56 -2.62 20.72 -11.35
CA GLY B 56 -4.01 21.13 -11.20
C GLY B 56 -4.98 20.08 -11.69
N ARG B 57 -4.44 18.99 -12.23
CA ARG B 57 -5.24 17.85 -12.65
C ARG B 57 -4.83 16.59 -11.90
N THR B 58 -5.79 15.72 -11.64
CA THR B 58 -5.59 14.52 -10.84
C THR B 58 -5.00 13.37 -11.66
N LEU B 59 -4.64 12.29 -10.99
CA LEU B 59 -4.14 11.09 -11.66
C LEU B 59 -5.27 10.35 -12.37
N SER B 60 -6.49 10.47 -11.83
CA SER B 60 -7.68 9.83 -12.40
C SER B 60 -7.98 10.34 -13.82
N ASP B 61 -7.59 11.58 -14.09
CA ASP B 61 -7.71 12.17 -15.42
C ASP B 61 -6.83 11.45 -16.42
N TYR B 62 -5.57 11.24 -16.07
CA TYR B 62 -4.59 10.67 -16.99
C TYR B 62 -4.66 9.14 -17.07
N ASN B 63 -5.59 8.54 -16.31
CA ASN B 63 -5.75 7.08 -16.22
C ASN B 63 -4.54 6.36 -15.61
N ILE B 64 -3.86 7.03 -14.68
CA ILE B 64 -2.74 6.43 -13.97
C ILE B 64 -3.27 5.48 -12.90
N GLN B 65 -3.00 4.20 -13.09
CA GLN B 65 -3.54 3.15 -12.24
C GLN B 65 -2.43 2.43 -11.47
N LYS B 66 -2.71 1.21 -11.01
CA LYS B 66 -1.73 0.41 -10.28
C LYS B 66 -0.60 -0.08 -11.19
N GLU B 67 0.62 0.01 -10.66
CA GLU B 67 1.85 -0.43 -11.36
C GLU B 67 2.21 0.46 -12.55
N SER B 68 1.44 1.53 -12.76
CA SER B 68 1.70 2.48 -13.83
C SER B 68 3.01 3.23 -13.58
N THR B 69 3.68 3.64 -14.66
CA THR B 69 5.01 4.22 -14.56
C THR B 69 5.09 5.65 -15.12
N LEU B 70 5.54 6.59 -14.30
CA LEU B 70 5.73 7.97 -14.73
C LEU B 70 7.20 8.24 -14.98
N HIS B 71 7.50 8.77 -16.17
CA HIS B 71 8.84 9.24 -16.47
C HIS B 71 9.02 10.61 -15.85
N LEU B 72 10.22 10.89 -15.36
CA LEU B 72 10.52 12.17 -14.75
C LEU B 72 11.77 12.84 -15.36
N VAL B 73 11.54 13.96 -16.04
CA VAL B 73 12.61 14.78 -16.58
C VAL B 73 13.09 15.77 -15.52
N LEU B 74 14.40 15.83 -15.32
CA LEU B 74 14.99 16.80 -14.40
C LEU B 74 15.26 18.11 -15.14
N ARG B 75 14.37 19.09 -14.93
CA ARG B 75 14.41 20.38 -15.62
C ARG B 75 15.78 21.05 -15.69
N SER C 19 -12.69 4.42 -20.02
CA SER C 19 -13.41 5.33 -19.09
C SER C 19 -13.11 6.79 -19.45
N LYS C 20 -13.25 7.14 -20.72
CA LYS C 20 -12.97 8.51 -21.18
C LYS C 20 -14.03 9.46 -20.65
N CYS C 21 -13.62 10.71 -20.39
CA CYS C 21 -14.55 11.76 -19.95
C CYS C 21 -15.65 12.00 -20.96
N ARG C 22 -16.86 12.20 -20.46
CA ARG C 22 -18.07 12.26 -21.26
C ARG C 22 -18.09 13.37 -22.33
N LYS C 23 -17.31 14.43 -22.11
CA LYS C 23 -17.27 15.57 -23.05
C LYS C 23 -16.71 15.17 -24.39
N ALA C 24 -17.41 15.57 -25.45
CA ALA C 24 -17.07 15.17 -26.80
C ALA C 24 -15.57 15.17 -27.08
N GLY C 25 -14.98 16.36 -27.11
CA GLY C 25 -13.59 16.51 -27.50
C GLY C 25 -12.64 16.58 -26.33
N CYS C 26 -12.75 15.61 -25.43
CA CYS C 26 -11.89 15.58 -24.25
C CYS C 26 -11.08 14.30 -24.16
N VAL C 27 -9.77 14.46 -24.01
CA VAL C 27 -8.81 13.37 -24.05
C VAL C 27 -8.63 12.72 -22.68
N TYR C 28 -9.00 13.45 -21.64
CA TYR C 28 -8.84 13.02 -20.26
C TYR C 28 -9.86 11.95 -19.87
N PHE C 29 -9.55 11.17 -18.85
CA PHE C 29 -10.43 10.09 -18.41
C PHE C 29 -11.35 10.58 -17.28
N GLY C 30 -12.58 10.10 -17.28
CA GLY C 30 -13.54 10.51 -16.27
C GLY C 30 -13.52 9.61 -15.04
N THR C 31 -14.49 9.84 -14.15
CA THR C 31 -14.66 9.06 -12.93
C THR C 31 -16.14 9.07 -12.56
N PRO C 32 -16.70 7.89 -12.20
CA PRO C 32 -18.11 7.74 -11.82
C PRO C 32 -18.55 8.75 -10.79
N GLU C 33 -17.67 9.02 -9.82
CA GLU C 33 -17.94 9.97 -8.75
C GLU C 33 -18.07 11.41 -9.25
N ASN C 34 -17.66 11.65 -10.50
CA ASN C 34 -17.81 12.94 -11.15
C ASN C 34 -18.84 12.90 -12.28
N LYS C 35 -19.79 11.98 -12.14
CA LYS C 35 -20.82 11.77 -13.16
C LYS C 35 -20.22 11.59 -14.57
N GLY C 36 -19.10 10.88 -14.63
CA GLY C 36 -18.50 10.50 -15.91
C GLY C 36 -17.59 11.54 -16.52
N PHE C 37 -17.46 12.68 -15.88
CA PHE C 37 -16.58 13.74 -16.35
C PHE C 37 -15.18 13.65 -15.74
N CYS C 38 -14.19 14.12 -16.49
CA CYS C 38 -12.86 14.32 -15.95
C CYS C 38 -13.00 15.49 -14.99
N THR C 39 -12.03 15.64 -14.09
CA THR C 39 -12.19 16.54 -12.95
C THR C 39 -12.57 17.99 -13.33
N LEU C 40 -11.96 18.53 -14.39
CA LEU C 40 -12.18 19.94 -14.74
C LEU C 40 -13.46 20.18 -15.54
N CYS C 41 -13.93 19.14 -16.23
CA CYS C 41 -15.22 19.19 -16.91
C CYS C 41 -16.36 19.11 -15.91
N PHE C 42 -16.10 18.41 -14.81
CA PHE C 42 -17.05 18.29 -13.72
C PHE C 42 -17.30 19.64 -13.09
N ILE C 43 -16.21 20.36 -12.82
CA ILE C 43 -16.27 21.69 -12.23
C ILE C 43 -16.91 22.67 -13.23
N GLU C 44 -16.66 22.43 -14.51
CA GLU C 44 -17.30 23.19 -15.59
C GLU C 44 -18.80 22.90 -15.63
N TYR C 45 -19.16 21.66 -15.29
CA TYR C 45 -20.54 21.20 -15.28
C TYR C 45 -21.31 21.71 -14.07
N ARG C 46 -20.66 21.64 -12.91
CA ARG C 46 -21.23 22.06 -11.62
C ARG C 46 -21.42 23.57 -11.51
N GLU C 47 -20.52 24.34 -12.11
CA GLU C 47 -20.61 25.80 -12.13
C GLU C 47 -21.63 26.29 -13.15
N ASN C 48 -21.58 25.71 -14.34
CA ASN C 48 -22.67 25.87 -15.29
C ASN C 48 -23.95 25.33 -14.66
N LYS C 49 -23.83 24.24 -13.89
CA LYS C 49 -24.93 23.69 -13.08
C LYS C 49 -24.95 24.26 -11.66
N MET D 7 17.77 -19.95 24.67
CA MET D 7 17.01 -21.02 23.94
C MET D 7 15.51 -20.80 24.03
N ALA D 8 15.05 -20.38 25.22
CA ALA D 8 13.65 -20.09 25.45
C ALA D 8 13.24 -18.82 24.71
N LEU D 9 14.17 -17.87 24.63
CA LEU D 9 13.96 -16.62 23.89
C LEU D 9 13.62 -16.91 22.44
N LYS D 10 14.27 -17.92 21.85
CA LYS D 10 14.00 -18.32 20.47
C LYS D 10 12.62 -18.93 20.35
N ARG D 11 12.30 -19.86 21.26
CA ARG D 11 11.03 -20.56 21.26
C ARG D 11 9.85 -19.59 21.34
N ILE D 12 9.89 -18.70 22.34
CA ILE D 12 8.85 -17.70 22.55
C ILE D 12 8.66 -16.84 21.31
N GLN D 13 9.78 -16.39 20.73
CA GLN D 13 9.71 -15.61 19.50
C GLN D 13 9.02 -16.41 18.38
N LYS D 14 9.42 -17.67 18.21
CA LYS D 14 8.83 -18.55 17.18
C LYS D 14 7.30 -18.55 17.31
N GLU D 15 6.81 -18.80 18.52
CA GLU D 15 5.39 -18.81 18.80
C GLU D 15 4.71 -17.48 18.47
N LEU D 16 5.42 -16.38 18.74
CA LEU D 16 4.93 -15.03 18.49
C LEU D 16 4.84 -14.71 17.00
N SER D 17 5.76 -15.27 16.21
CA SER D 17 5.71 -15.15 14.76
C SER D 17 4.46 -15.83 14.21
N ASP D 18 4.19 -17.02 14.73
CA ASP D 18 3.04 -17.83 14.31
C ASP D 18 1.73 -17.10 14.54
N LEU D 19 1.58 -16.48 15.73
CA LEU D 19 0.37 -15.76 16.09
C LEU D 19 0.15 -14.53 15.23
N GLN D 20 1.20 -14.09 14.55
CA GLN D 20 1.10 -13.02 13.57
C GLN D 20 0.73 -13.61 12.21
N ARG D 21 1.09 -14.87 11.99
CA ARG D 21 0.86 -15.55 10.73
C ARG D 21 -0.53 -16.18 10.63
N ASP D 22 -0.92 -16.91 11.68
CA ASP D 22 -2.29 -17.38 11.82
C ASP D 22 -2.85 -17.11 13.22
N PRO D 23 -3.48 -15.94 13.40
CA PRO D 23 -4.16 -15.63 14.66
C PRO D 23 -5.46 -16.43 14.82
N PRO D 24 -5.62 -17.12 15.97
CA PRO D 24 -6.70 -18.06 16.30
C PRO D 24 -8.12 -17.49 16.50
N ALA D 25 -8.47 -16.41 15.79
CA ALA D 25 -9.87 -15.97 15.67
C ALA D 25 -10.53 -15.32 16.89
N HIS D 26 -10.14 -15.74 18.10
CA HIS D 26 -10.79 -15.31 19.35
C HIS D 26 -9.80 -15.09 20.49
N CYS D 27 -8.55 -15.49 20.24
CA CYS D 27 -7.48 -15.37 21.22
C CYS D 27 -6.40 -14.48 20.64
N SER D 28 -5.83 -13.63 21.49
CA SER D 28 -4.70 -12.80 21.10
C SER D 28 -3.69 -12.76 22.24
N ALA D 29 -2.40 -12.89 21.89
CA ALA D 29 -1.32 -12.96 22.87
C ALA D 29 -0.12 -12.19 22.37
N GLY D 30 0.67 -11.65 23.30
CA GLY D 30 1.81 -10.81 22.97
C GLY D 30 2.44 -10.18 24.20
N PRO D 31 3.64 -9.58 24.03
CA PRO D 31 4.43 -9.13 25.16
C PRO D 31 3.89 -7.87 25.85
N VAL D 32 4.21 -7.76 27.14
CA VAL D 32 3.97 -6.57 27.94
C VAL D 32 5.24 -5.73 27.85
N GLY D 33 5.13 -4.56 27.20
CA GLY D 33 6.31 -3.72 26.92
C GLY D 33 7.19 -4.39 25.89
N ASP D 34 8.51 -4.32 26.07
CA ASP D 34 9.42 -5.02 25.17
C ASP D 34 9.91 -6.34 25.75
N ASP D 35 9.35 -6.73 26.90
CA ASP D 35 9.77 -7.95 27.58
C ASP D 35 9.02 -9.15 27.01
N LEU D 36 9.78 -10.05 26.37
CA LEU D 36 9.20 -11.25 25.74
C LEU D 36 8.81 -12.36 26.70
N PHE D 37 9.39 -12.35 27.90
CA PHE D 37 9.14 -13.40 28.88
C PHE D 37 7.80 -13.26 29.62
N HIS D 38 7.33 -12.02 29.78
CA HIS D 38 5.96 -11.78 30.27
C HIS D 38 5.05 -11.36 29.11
N TRP D 39 3.93 -12.06 28.98
CA TRP D 39 2.98 -11.85 27.90
C TRP D 39 1.60 -11.55 28.45
N GLN D 40 0.81 -10.79 27.70
CA GLN D 40 -0.60 -10.61 28.01
C GLN D 40 -1.46 -11.18 26.88
N ALA D 41 -2.60 -11.77 27.25
CA ALA D 41 -3.43 -12.46 26.29
C ALA D 41 -4.93 -12.32 26.59
N THR D 42 -5.75 -12.42 25.55
CA THR D 42 -7.19 -12.33 25.71
C THR D 42 -7.92 -13.54 25.14
N ILE D 43 -9.04 -13.89 25.74
CA ILE D 43 -9.95 -14.90 25.20
C ILE D 43 -11.30 -14.23 24.97
N MET D 44 -11.73 -14.20 23.71
CA MET D 44 -13.08 -13.78 23.38
C MET D 44 -14.06 -14.82 23.90
N GLY D 45 -15.13 -14.37 24.54
CA GLY D 45 -16.15 -15.27 25.07
C GLY D 45 -16.82 -16.08 23.97
N PRO D 46 -16.87 -17.42 24.14
CA PRO D 46 -17.36 -18.33 23.10
C PRO D 46 -18.86 -18.22 22.87
N PRO D 47 -19.29 -18.17 21.59
CA PRO D 47 -20.71 -18.22 21.24
C PRO D 47 -21.39 -19.50 21.73
N ASP D 48 -22.66 -19.38 22.12
CA ASP D 48 -23.46 -20.46 22.71
C ASP D 48 -23.02 -20.90 24.12
N SER D 49 -22.12 -20.11 24.72
CA SER D 49 -21.70 -20.30 26.10
C SER D 49 -22.09 -19.08 26.93
N ALA D 50 -22.27 -19.28 28.23
CA ALA D 50 -22.72 -18.24 29.14
C ALA D 50 -21.83 -16.99 29.15
N TYR D 51 -20.60 -17.15 28.66
CA TYR D 51 -19.61 -16.06 28.67
C TYR D 51 -19.53 -15.33 27.33
N GLN D 52 -20.49 -15.60 26.46
CA GLN D 52 -20.57 -15.01 25.11
C GLN D 52 -20.48 -13.49 25.10
N GLY D 53 -19.77 -12.96 24.12
CA GLY D 53 -19.66 -11.51 23.92
C GLY D 53 -18.60 -10.86 24.78
N GLY D 54 -18.45 -11.36 26.01
CA GLY D 54 -17.44 -10.86 26.93
C GLY D 54 -16.02 -11.16 26.47
N VAL D 55 -15.09 -10.30 26.85
CA VAL D 55 -13.68 -10.47 26.54
C VAL D 55 -12.91 -10.64 27.85
N PHE D 56 -11.98 -11.58 27.89
CA PHE D 56 -11.36 -11.94 29.15
C PHE D 56 -9.86 -11.84 29.08
N PHE D 57 -9.29 -10.95 29.89
CA PHE D 57 -7.86 -10.67 29.92
C PHE D 57 -7.11 -11.65 30.83
N LEU D 58 -5.99 -12.16 30.33
CA LEU D 58 -5.16 -13.10 31.08
C LEU D 58 -3.71 -12.63 31.16
N THR D 59 -2.92 -13.33 31.95
CA THR D 59 -1.50 -13.02 32.12
C THR D 59 -0.65 -14.29 32.07
N VAL D 60 0.32 -14.31 31.16
CA VAL D 60 1.16 -15.47 30.97
C VAL D 60 2.65 -15.15 31.13
N HIS D 61 3.28 -15.83 32.11
CA HIS D 61 4.71 -15.76 32.33
C HIS D 61 5.37 -17.09 31.96
N PHE D 62 6.38 -17.03 31.10
CA PHE D 62 7.14 -18.22 30.70
C PHE D 62 8.27 -18.47 31.68
N PRO D 63 8.45 -19.75 32.12
CA PRO D 63 9.62 -20.09 32.93
C PRO D 63 10.86 -19.99 32.07
N THR D 64 12.00 -19.68 32.66
CA THR D 64 13.25 -19.61 31.90
C THR D 64 13.62 -20.94 31.18
N ASP D 65 13.17 -22.07 31.71
CA ASP D 65 13.37 -23.37 31.03
C ASP D 65 12.18 -23.79 30.16
N TYR D 66 11.47 -22.82 29.59
CA TYR D 66 10.43 -23.06 28.59
C TYR D 66 11.10 -23.54 27.31
N PRO D 67 10.45 -24.42 26.53
CA PRO D 67 9.12 -24.99 26.63
C PRO D 67 9.01 -26.25 27.48
N PHE D 68 10.06 -26.57 28.24
CA PHE D 68 10.08 -27.81 29.00
C PHE D 68 9.22 -27.74 30.25
N LYS D 69 9.20 -26.58 30.90
CA LYS D 69 8.23 -26.30 31.94
C LYS D 69 7.08 -25.47 31.35
N PRO D 70 5.85 -25.71 31.82
CA PRO D 70 4.69 -25.01 31.28
C PRO D 70 4.66 -23.53 31.67
N PRO D 71 3.97 -22.68 30.88
CA PRO D 71 3.79 -21.27 31.25
C PRO D 71 2.83 -21.10 32.42
N LYS D 72 3.00 -20.02 33.18
CA LYS D 72 2.08 -19.73 34.28
C LYS D 72 1.05 -18.71 33.81
N ILE D 73 -0.19 -19.19 33.67
CA ILE D 73 -1.29 -18.41 33.10
C ILE D 73 -2.44 -18.17 34.10
N ALA D 74 -2.76 -16.89 34.30
CA ALA D 74 -3.87 -16.51 35.20
C ALA D 74 -4.84 -15.55 34.52
N PHE D 75 -6.09 -15.55 34.99
CA PHE D 75 -7.10 -14.59 34.54
C PHE D 75 -6.92 -13.29 35.28
N THR D 76 -6.87 -12.17 34.56
CA THR D 76 -6.95 -10.89 35.26
C THR D 76 -8.39 -10.42 35.33
N THR D 77 -9.26 -10.98 34.49
CA THR D 77 -10.70 -10.62 34.51
C THR D 77 -11.52 -11.63 35.32
N LYS D 78 -12.48 -11.12 36.09
CA LYS D 78 -13.31 -11.95 36.96
C LYS D 78 -14.34 -12.77 36.21
N ILE D 79 -14.50 -14.01 36.64
CA ILE D 79 -15.30 -15.00 35.92
C ILE D 79 -15.99 -15.99 36.87
N TYR D 80 -17.27 -16.24 36.62
CA TYR D 80 -18.06 -17.22 37.37
C TYR D 80 -17.86 -18.56 36.72
N HIS D 81 -16.84 -19.27 37.18
CA HIS D 81 -16.50 -20.56 36.61
C HIS D 81 -15.98 -21.43 37.76
N PRO D 82 -16.34 -22.73 37.75
CA PRO D 82 -15.94 -23.63 38.83
C PRO D 82 -14.45 -23.89 38.85
N ASN D 83 -13.81 -23.69 37.70
CA ASN D 83 -12.40 -24.02 37.54
C ASN D 83 -11.44 -22.82 37.55
N ILE D 84 -12.00 -21.62 37.68
CA ILE D 84 -11.18 -20.42 37.82
C ILE D 84 -11.56 -19.71 39.11
N ASN D 85 -10.60 -19.59 40.01
CA ASN D 85 -10.87 -18.99 41.32
C ASN D 85 -10.70 -17.47 41.34
N SER D 86 -10.95 -16.88 42.50
CA SER D 86 -10.86 -15.43 42.69
C SER D 86 -9.47 -14.87 42.45
N ASN D 87 -8.44 -15.68 42.70
CA ASN D 87 -7.07 -15.29 42.38
C ASN D 87 -6.72 -15.44 40.90
N GLY D 88 -7.71 -15.79 40.10
CA GLY D 88 -7.53 -15.94 38.66
C GLY D 88 -6.72 -17.17 38.27
N SER D 89 -6.55 -18.09 39.22
CA SER D 89 -5.82 -19.32 38.97
C SER D 89 -6.65 -20.26 38.10
N ILE D 90 -5.99 -20.93 37.17
CA ILE D 90 -6.68 -21.86 36.27
C ILE D 90 -6.31 -23.30 36.59
N CYS D 91 -7.32 -24.09 36.95
CA CYS D 91 -7.14 -25.51 37.20
C CYS D 91 -7.28 -26.27 35.88
N LEU D 92 -6.15 -26.45 35.21
CA LEU D 92 -6.11 -27.20 33.96
C LEU D 92 -4.92 -28.16 34.01
N ASP D 93 -5.14 -29.40 33.56
CA ASP D 93 -4.12 -30.44 33.67
C ASP D 93 -2.97 -30.27 32.71
N ILE D 94 -3.25 -29.66 31.56
CA ILE D 94 -2.23 -29.39 30.55
C ILE D 94 -1.28 -28.25 30.98
N LEU D 95 -1.67 -27.52 32.03
CA LEU D 95 -0.80 -26.52 32.67
C LEU D 95 -0.06 -27.07 33.90
N ARG D 96 -0.36 -28.32 34.27
CA ARG D 96 0.28 -28.98 35.41
C ARG D 96 1.10 -30.16 34.93
N SER D 97 0.50 -31.35 34.95
CA SER D 97 1.22 -32.61 34.73
C SER D 97 1.16 -33.13 33.30
N GLN D 98 0.09 -32.78 32.58
CA GLN D 98 -0.11 -33.25 31.20
C GLN D 98 0.53 -32.34 30.15
N TRP D 99 1.29 -31.34 30.61
CA TRP D 99 2.02 -30.45 29.72
C TRP D 99 3.07 -31.20 28.89
N SER D 100 3.27 -30.73 27.66
CA SER D 100 4.23 -31.28 26.73
C SER D 100 4.80 -30.09 25.96
N PRO D 101 6.15 -30.03 25.81
CA PRO D 101 6.77 -28.93 25.08
C PRO D 101 6.37 -28.83 23.59
N ALA D 102 5.53 -29.76 23.13
CA ALA D 102 4.95 -29.69 21.78
C ALA D 102 3.77 -28.73 21.72
N LEU D 103 3.16 -28.44 22.88
CA LEU D 103 2.06 -27.48 22.96
C LEU D 103 2.58 -26.05 22.93
N THR D 104 1.76 -25.16 22.38
CA THR D 104 2.06 -23.73 22.29
C THR D 104 1.09 -22.96 23.18
N VAL D 105 1.25 -21.64 23.27
CA VAL D 105 0.31 -20.78 24.03
C VAL D 105 -1.01 -20.62 23.27
N SER D 106 -0.91 -20.61 21.94
CA SER D 106 -2.09 -20.67 21.09
C SER D 106 -2.93 -21.85 21.51
N LYS D 107 -2.31 -23.04 21.54
CA LYS D 107 -3.01 -24.28 21.85
C LYS D 107 -3.64 -24.28 23.25
N VAL D 108 -2.90 -23.77 24.23
CA VAL D 108 -3.38 -23.71 25.61
C VAL D 108 -4.57 -22.77 25.72
N LEU D 109 -4.45 -21.57 25.14
CA LEU D 109 -5.54 -20.59 25.17
C LEU D 109 -6.85 -21.16 24.65
N LEU D 110 -6.78 -21.93 23.57
CA LEU D 110 -7.95 -22.59 23.01
C LEU D 110 -8.56 -23.60 23.99
N SER D 111 -7.71 -24.30 24.73
CA SER D 111 -8.16 -25.30 25.70
C SER D 111 -8.83 -24.64 26.89
N ILE D 112 -8.31 -23.46 27.26
CA ILE D 112 -8.91 -22.67 28.33
C ILE D 112 -10.28 -22.16 27.89
N CYS D 113 -10.39 -21.89 26.59
CA CYS D 113 -11.63 -21.46 25.97
C CYS D 113 -12.62 -22.62 25.97
N SER D 114 -12.14 -23.80 25.60
CA SER D 114 -12.93 -25.03 25.68
C SER D 114 -13.40 -25.29 27.11
N LEU D 115 -12.55 -24.96 28.07
CA LEU D 115 -12.88 -25.14 29.47
C LEU D 115 -14.06 -24.26 29.86
N LEU D 116 -14.14 -23.07 29.27
CA LEU D 116 -15.30 -22.22 29.48
C LEU D 116 -16.52 -22.88 28.86
N CYS D 117 -16.32 -23.54 27.72
CA CYS D 117 -17.42 -24.21 27.01
C CYS D 117 -17.95 -25.45 27.74
N ASP D 118 -17.03 -26.22 28.34
CA ASP D 118 -17.39 -27.45 29.05
C ASP D 118 -16.57 -27.60 30.34
N PRO D 119 -17.05 -27.00 31.44
CA PRO D 119 -16.33 -26.97 32.72
C PRO D 119 -16.13 -28.35 33.35
N ASN D 120 -14.98 -28.52 34.00
CA ASN D 120 -14.67 -29.75 34.72
C ASN D 120 -15.31 -29.74 36.10
N PRO D 121 -16.41 -30.49 36.26
CA PRO D 121 -17.19 -30.40 37.50
C PRO D 121 -16.61 -31.26 38.63
N ASP D 122 -15.65 -32.12 38.27
CA ASP D 122 -15.07 -33.07 39.21
C ASP D 122 -13.68 -32.64 39.67
N ASP D 123 -13.21 -31.50 39.18
CA ASP D 123 -11.95 -30.91 39.65
C ASP D 123 -12.14 -29.41 39.93
N PRO D 124 -12.92 -29.09 40.98
CA PRO D 124 -13.40 -27.73 41.20
C PRO D 124 -12.52 -26.90 42.14
N LEU D 125 -11.98 -25.80 41.60
CA LEU D 125 -11.29 -24.83 42.45
C LEU D 125 -12.29 -24.16 43.41
N VAL D 126 -13.44 -23.76 42.89
CA VAL D 126 -14.50 -23.19 43.70
C VAL D 126 -15.73 -24.12 43.67
N PRO D 127 -15.77 -25.12 44.59
CA PRO D 127 -16.82 -26.16 44.65
C PRO D 127 -18.25 -25.63 44.69
N ASP D 128 -18.45 -24.48 45.34
CA ASP D 128 -19.77 -23.83 45.36
C ASP D 128 -20.34 -23.68 43.96
N ILE D 129 -19.49 -23.21 43.06
CA ILE D 129 -19.86 -22.98 41.68
C ILE D 129 -20.06 -24.30 40.93
N ALA D 130 -19.22 -25.28 41.23
CA ALA D 130 -19.31 -26.60 40.59
C ALA D 130 -20.57 -27.34 41.02
N GLN D 131 -20.98 -27.12 42.26
CA GLN D 131 -22.21 -27.72 42.77
C GLN D 131 -23.42 -27.23 41.99
N ILE D 132 -23.42 -25.94 41.66
CA ILE D 132 -24.48 -25.36 40.84
C ILE D 132 -24.47 -25.94 39.42
N TYR D 133 -23.27 -26.13 38.84
CA TYR D 133 -23.15 -26.67 37.48
C TYR D 133 -23.61 -28.13 37.32
N LYS D 134 -23.79 -28.83 38.45
CA LYS D 134 -24.41 -30.14 38.44
C LYS D 134 -25.89 -30.04 38.83
N SER D 135 -26.14 -29.45 39.99
CA SER D 135 -27.47 -29.44 40.61
C SER D 135 -28.46 -28.50 39.94
N ASP D 136 -27.95 -27.41 39.35
CA ASP D 136 -28.81 -26.37 38.80
C ASP D 136 -28.13 -25.74 37.58
N LYS D 137 -28.09 -26.50 36.48
CA LYS D 137 -27.39 -26.10 35.25
C LYS D 137 -27.73 -24.69 34.79
N GLU D 138 -29.00 -24.31 34.94
CA GLU D 138 -29.50 -23.03 34.45
C GLU D 138 -29.18 -21.85 35.37
N LYS D 139 -29.22 -22.07 36.69
CA LYS D 139 -28.82 -21.06 37.67
C LYS D 139 -27.34 -20.72 37.48
N TYR D 140 -26.57 -21.71 37.03
CA TYR D 140 -25.18 -21.50 36.64
C TYR D 140 -25.15 -20.56 35.43
N ASN D 141 -25.83 -20.96 34.35
CA ASN D 141 -25.96 -20.16 33.13
C ASN D 141 -26.48 -18.75 33.40
N ARG D 142 -27.33 -18.63 34.41
CA ARG D 142 -27.86 -17.35 34.84
C ARG D 142 -26.76 -16.53 35.51
N HIS D 143 -26.09 -17.12 36.50
CA HIS D 143 -25.05 -16.42 37.26
C HIS D 143 -23.81 -16.05 36.44
N ALA D 144 -23.43 -16.92 35.50
CA ALA D 144 -22.27 -16.65 34.66
C ALA D 144 -22.49 -15.47 33.73
N ARG D 145 -23.71 -15.31 33.24
CA ARG D 145 -24.10 -14.21 32.33
C ARG D 145 -23.99 -12.82 32.97
N GLU D 146 -24.47 -12.71 34.21
CA GLU D 146 -24.28 -11.51 35.02
C GLU D 146 -22.79 -11.22 35.14
N TRP D 147 -22.03 -12.26 35.46
CA TRP D 147 -20.59 -12.16 35.64
C TRP D 147 -19.85 -11.84 34.33
N THR D 148 -20.46 -12.16 33.19
CA THR D 148 -19.89 -11.80 31.89
C THR D 148 -20.16 -10.33 31.61
N GLN D 149 -21.36 -9.89 31.97
CA GLN D 149 -21.81 -8.55 31.63
C GLN D 149 -21.22 -7.47 32.53
N LYS D 150 -21.17 -7.72 33.83
CA LYS D 150 -20.60 -6.75 34.73
C LYS D 150 -19.09 -6.63 34.55
N TYR D 151 -18.41 -7.75 34.33
CA TYR D 151 -16.94 -7.82 34.38
C TYR D 151 -16.21 -7.79 33.02
N ALA D 152 -16.87 -8.29 31.98
CA ALA D 152 -16.21 -8.48 30.69
C ALA D 152 -16.68 -7.56 29.57
N MET D 153 -17.87 -6.98 29.73
CA MET D 153 -18.37 -6.02 28.74
C MET D 153 -17.56 -4.71 28.79
N MET E 4 1.09 1.38 4.67
CA MET E 4 1.30 -0.05 5.08
C MET E 4 -0.02 -0.83 5.31
N GLN E 5 0.12 -2.15 5.42
CA GLN E 5 -1.00 -3.08 5.40
C GLN E 5 -1.17 -3.83 6.72
N ILE E 6 -2.42 -4.05 7.13
CA ILE E 6 -2.74 -4.84 8.32
C ILE E 6 -3.95 -5.78 8.12
N PHE E 7 -4.15 -6.67 9.08
CA PHE E 7 -5.25 -7.64 9.04
C PHE E 7 -6.15 -7.49 10.26
N VAL E 8 -7.46 -7.49 10.02
CA VAL E 8 -8.45 -7.41 11.09
C VAL E 8 -9.30 -8.68 11.04
N LYS E 9 -9.24 -9.48 12.11
CA LYS E 9 -9.94 -10.76 12.16
C LYS E 9 -11.12 -10.74 13.13
N THR E 10 -12.33 -10.87 12.59
CA THR E 10 -13.55 -10.93 13.41
C THR E 10 -13.77 -12.34 13.96
N LEU E 11 -14.73 -12.48 14.87
CA LEU E 11 -15.02 -13.78 15.48
C LEU E 11 -15.72 -14.74 14.50
N THR E 12 -16.25 -14.19 13.41
CA THR E 12 -16.93 -14.97 12.36
C THR E 12 -15.98 -15.85 11.55
N GLY E 13 -14.74 -15.40 11.40
CA GLY E 13 -13.72 -16.13 10.65
C GLY E 13 -13.08 -15.31 9.55
N LYS E 14 -13.87 -14.42 8.96
CA LYS E 14 -13.40 -13.56 7.88
C LYS E 14 -12.35 -12.55 8.34
N THR E 15 -11.28 -12.45 7.56
CA THR E 15 -10.19 -11.51 7.82
C THR E 15 -10.26 -10.35 6.82
N ILE E 16 -10.32 -9.15 7.36
CA ILE E 16 -10.42 -7.94 6.55
C ILE E 16 -9.04 -7.33 6.43
N THR E 17 -8.68 -6.87 5.24
CA THR E 17 -7.37 -6.27 4.99
C THR E 17 -7.48 -4.75 4.91
N LEU E 18 -6.63 -4.05 5.65
CA LEU E 18 -6.74 -2.60 5.78
C LEU E 18 -5.42 -1.85 5.54
N GLU E 19 -5.52 -0.77 4.78
CA GLU E 19 -4.37 0.08 4.47
C GLU E 19 -4.28 1.20 5.52
N VAL E 20 -3.21 1.17 6.31
CA VAL E 20 -3.05 2.13 7.41
C VAL E 20 -1.68 2.78 7.47
N GLU E 21 -1.52 3.68 8.44
CA GLU E 21 -0.26 4.36 8.74
C GLU E 21 0.03 4.29 10.25
N PRO E 22 1.33 4.42 10.64
CA PRO E 22 1.69 4.33 12.06
C PRO E 22 1.08 5.43 12.94
N SER E 23 0.81 6.60 12.35
CA SER E 23 0.30 7.75 13.11
C SER E 23 -1.22 7.82 13.17
N ASP E 24 -1.89 6.82 12.58
CA ASP E 24 -3.35 6.72 12.63
C ASP E 24 -3.84 6.39 14.04
N THR E 25 -4.98 7.00 14.40
CA THR E 25 -5.60 6.78 15.71
C THR E 25 -6.64 5.66 15.63
N ILE E 26 -7.21 5.30 16.78
CA ILE E 26 -8.24 4.26 16.84
C ILE E 26 -9.52 4.71 16.14
N GLU E 27 -9.93 5.96 16.38
CA GLU E 27 -11.08 6.56 15.72
C GLU E 27 -10.92 6.49 14.21
N ASN E 28 -9.70 6.75 13.73
CA ASN E 28 -9.34 6.57 12.33
C ASN E 28 -9.58 5.14 11.85
N VAL E 29 -9.16 4.17 12.67
CA VAL E 29 -9.28 2.74 12.36
C VAL E 29 -10.73 2.27 12.37
N LYS E 30 -11.44 2.55 13.47
CA LYS E 30 -12.86 2.18 13.59
C LYS E 30 -13.71 2.81 12.50
N ALA E 31 -13.24 3.94 11.96
CA ALA E 31 -13.87 4.57 10.82
C ALA E 31 -13.54 3.84 9.52
N LYS E 32 -12.33 3.28 9.46
CA LYS E 32 -11.86 2.61 8.24
C LYS E 32 -12.54 1.27 7.97
N ILE E 33 -12.91 0.56 9.04
CA ILE E 33 -13.67 -0.69 8.91
C ILE E 33 -15.14 -0.41 8.55
N GLN E 34 -15.65 0.77 8.92
CA GLN E 34 -16.98 1.21 8.50
C GLN E 34 -17.04 1.36 6.98
N ASP E 35 -15.91 1.77 6.39
CA ASP E 35 -15.83 1.91 4.93
C ASP E 35 -15.76 0.58 4.21
N LYS E 36 -15.19 -0.43 4.86
CA LYS E 36 -15.06 -1.76 4.25
C LYS E 36 -16.27 -2.66 4.48
N GLU E 37 -16.68 -2.78 5.75
CA GLU E 37 -17.73 -3.72 6.14
C GLU E 37 -19.07 -3.03 6.44
N GLY E 38 -19.01 -1.93 7.19
CA GLY E 38 -20.21 -1.17 7.55
C GLY E 38 -20.62 -1.35 9.01
N ILE E 39 -19.63 -1.26 9.89
CA ILE E 39 -19.83 -1.43 11.32
C ILE E 39 -19.50 -0.12 12.03
N PRO E 40 -20.53 0.73 12.28
CA PRO E 40 -20.39 1.99 13.00
C PRO E 40 -19.40 1.94 14.18
N PRO E 41 -18.48 2.92 14.26
CA PRO E 41 -17.32 2.93 15.17
C PRO E 41 -17.63 2.67 16.65
N ASP E 42 -18.82 3.09 17.10
CA ASP E 42 -19.24 2.93 18.50
C ASP E 42 -19.46 1.47 18.91
N GLN E 43 -19.77 0.61 17.94
CA GLN E 43 -20.05 -0.80 18.19
C GLN E 43 -18.86 -1.73 17.96
N GLN E 44 -17.70 -1.15 17.68
CA GLN E 44 -16.46 -1.92 17.51
C GLN E 44 -15.70 -2.04 18.83
N ARG E 45 -15.07 -3.20 19.03
CA ARG E 45 -14.10 -3.42 20.12
C ARG E 45 -12.85 -4.04 19.54
N LEU E 46 -11.75 -3.28 19.55
CA LEU E 46 -10.51 -3.75 18.94
C LEU E 46 -9.50 -4.25 19.96
N ILE E 47 -8.87 -5.39 19.66
CA ILE E 47 -7.78 -5.93 20.49
C ILE E 47 -6.52 -6.11 19.63
N PHE E 48 -5.36 -5.99 20.28
CA PHE E 48 -4.11 -6.37 19.65
C PHE E 48 -3.23 -7.16 20.61
N ALA E 49 -2.89 -8.40 20.21
CA ALA E 49 -1.97 -9.27 20.95
C ALA E 49 -2.11 -9.24 22.48
N GLY E 50 -3.34 -9.12 22.96
CA GLY E 50 -3.61 -9.17 24.39
C GLY E 50 -3.98 -7.87 25.07
N LYS E 51 -3.98 -6.78 24.30
CA LYS E 51 -4.29 -5.46 24.85
C LYS E 51 -5.44 -4.78 24.13
N GLN E 52 -6.43 -4.32 24.90
CA GLN E 52 -7.54 -3.55 24.34
C GLN E 52 -7.06 -2.17 23.95
N LEU E 53 -7.35 -1.78 22.71
CA LEU E 53 -6.97 -0.48 22.19
C LEU E 53 -7.90 0.60 22.71
N GLU E 54 -7.31 1.73 23.09
CA GLU E 54 -8.06 2.85 23.65
C GLU E 54 -8.10 4.00 22.66
N ASP E 55 -9.31 4.41 22.31
CA ASP E 55 -9.53 5.59 21.47
C ASP E 55 -8.71 6.78 22.00
N GLY E 56 -7.99 7.44 21.10
CA GLY E 56 -7.18 8.58 21.50
C GLY E 56 -5.70 8.29 21.51
N ARG E 57 -5.34 7.03 21.24
CA ARG E 57 -3.96 6.62 21.13
C ARG E 57 -3.69 6.03 19.74
N THR E 58 -2.48 6.25 19.24
CA THR E 58 -2.11 5.85 17.88
C THR E 58 -1.70 4.39 17.80
N LEU E 59 -1.49 3.89 16.58
CA LEU E 59 -1.01 2.53 16.38
C LEU E 59 0.46 2.38 16.78
N SER E 60 1.22 3.48 16.67
CA SER E 60 2.64 3.50 17.03
C SER E 60 2.87 3.20 18.51
N ASP E 61 1.89 3.54 19.35
CA ASP E 61 1.93 3.23 20.76
C ASP E 61 1.87 1.73 20.99
N TYR E 62 0.94 1.07 20.31
CA TYR E 62 0.68 -0.35 20.54
C TYR E 62 1.67 -1.28 19.79
N ASN E 63 2.59 -0.65 19.05
CA ASN E 63 3.58 -1.35 18.19
C ASN E 63 2.94 -2.16 17.06
N ILE E 64 1.83 -1.67 16.53
CA ILE E 64 1.16 -2.30 15.41
C ILE E 64 1.90 -1.96 14.13
N GLN E 65 2.52 -2.97 13.54
CA GLN E 65 3.39 -2.80 12.38
C GLN E 65 2.80 -3.47 11.12
N LYS E 66 3.65 -3.75 10.14
CA LYS E 66 3.21 -4.40 8.90
C LYS E 66 2.82 -5.86 9.12
N GLU E 67 1.70 -6.24 8.51
CA GLU E 67 1.13 -7.60 8.59
C GLU E 67 0.58 -7.96 9.97
N SER E 68 0.59 -6.99 10.88
CA SER E 68 0.02 -7.19 12.22
C SER E 68 -1.49 -7.40 12.14
N THR E 69 -2.01 -8.17 13.10
CA THR E 69 -3.43 -8.54 13.07
C THR E 69 -4.20 -8.06 14.30
N LEU E 70 -5.28 -7.33 14.06
CA LEU E 70 -6.14 -6.87 15.13
C LEU E 70 -7.40 -7.72 15.17
N HIS E 71 -7.72 -8.23 16.36
CA HIS E 71 -8.98 -8.93 16.58
C HIS E 71 -10.06 -7.89 16.81
N LEU E 72 -11.26 -8.18 16.31
CA LEU E 72 -12.39 -7.28 16.48
C LEU E 72 -13.62 -7.97 17.08
N VAL E 73 -13.99 -7.54 18.28
CA VAL E 73 -15.20 -8.01 18.95
C VAL E 73 -16.38 -7.15 18.53
N LEU E 74 -17.44 -7.78 18.07
CA LEU E 74 -18.68 -7.09 17.71
C LEU E 74 -19.54 -6.91 18.96
N ARG E 75 -19.45 -5.73 19.58
CA ARG E 75 -20.08 -5.44 20.87
C ARG E 75 -21.59 -5.75 20.92
N SER F 19 11.32 -0.84 21.24
CA SER F 19 11.14 0.64 21.11
C SER F 19 10.13 1.12 22.15
N LYS F 20 10.30 0.72 23.41
CA LYS F 20 9.36 1.10 24.47
C LYS F 20 9.48 2.57 24.80
N CYS F 21 8.35 3.19 25.16
CA CYS F 21 8.32 4.60 25.59
C CYS F 21 9.27 4.84 26.76
N ARG F 22 9.98 5.97 26.70
CA ARG F 22 11.05 6.28 27.64
C ARG F 22 10.63 6.36 29.12
N LYS F 23 9.35 6.64 29.38
CA LYS F 23 8.85 6.77 30.76
C LYS F 23 8.94 5.45 31.51
N ALA F 24 9.46 5.52 32.73
CA ALA F 24 9.71 4.34 33.53
C ALA F 24 8.60 3.29 33.45
N GLY F 25 7.44 3.62 34.01
CA GLY F 25 6.37 2.65 34.11
C GLY F 25 5.34 2.77 33.00
N CYS F 26 5.81 2.77 31.76
CA CYS F 26 4.91 2.90 30.61
C CYS F 26 5.03 1.71 29.67
N VAL F 27 3.88 1.11 29.38
CA VAL F 27 3.79 -0.12 28.60
C VAL F 27 3.76 0.14 27.11
N TYR F 28 3.40 1.37 26.74
CA TYR F 28 3.26 1.77 25.34
C TYR F 28 4.61 1.97 24.66
N PHE F 29 4.62 1.89 23.34
CA PHE F 29 5.85 2.03 22.56
C PHE F 29 6.03 3.47 22.10
N GLY F 30 7.27 3.93 22.10
CA GLY F 30 7.57 5.30 21.70
C GLY F 30 7.83 5.44 20.22
N THR F 31 8.25 6.63 19.82
CA THR F 31 8.62 6.96 18.45
C THR F 31 9.69 8.05 18.46
N PRO F 32 10.74 7.90 17.62
CA PRO F 32 11.84 8.86 17.56
C PRO F 32 11.34 10.28 17.38
N GLU F 33 10.31 10.45 16.55
CA GLU F 33 9.72 11.74 16.25
C GLU F 33 9.07 12.39 17.49
N ASN F 34 8.89 11.60 18.53
CA ASN F 34 8.37 12.09 19.81
C ASN F 34 9.43 12.07 20.90
N LYS F 35 10.69 12.16 20.47
CA LYS F 35 11.83 12.10 21.40
C LYS F 35 11.76 10.85 22.32
N GLY F 36 11.32 9.73 21.74
CA GLY F 36 11.35 8.45 22.45
C GLY F 36 10.14 8.17 23.34
N PHE F 37 9.21 9.12 23.40
CA PHE F 37 7.99 8.95 24.19
C PHE F 37 6.84 8.39 23.35
N CYS F 38 5.95 7.67 24.02
CA CYS F 38 4.69 7.31 23.41
C CYS F 38 3.90 8.59 23.30
N THR F 39 2.89 8.61 22.45
CA THR F 39 2.20 9.84 22.08
C THR F 39 1.74 10.71 23.25
N LEU F 40 1.18 10.08 24.29
CA LEU F 40 0.58 10.82 25.40
C LEU F 40 1.60 11.29 26.44
N CYS F 41 2.73 10.60 26.52
CA CYS F 41 3.84 11.02 27.37
C CYS F 41 4.55 12.20 26.76
N PHE F 42 4.54 12.26 25.43
CA PHE F 42 5.13 13.36 24.68
C PHE F 42 4.37 14.64 24.96
N ILE F 43 3.04 14.55 24.90
CA ILE F 43 2.16 15.68 25.18
C ILE F 43 2.28 16.10 26.65
N GLU F 44 2.50 15.12 27.53
CA GLU F 44 2.76 15.37 28.93
C GLU F 44 4.11 16.05 29.11
N TYR F 45 5.05 15.73 28.23
CA TYR F 45 6.40 16.27 28.25
C TYR F 45 6.45 17.69 27.71
N ARG F 46 5.76 17.90 26.59
CA ARG F 46 5.68 19.18 25.90
C ARG F 46 4.90 20.25 26.69
N GLU F 47 3.86 19.82 27.41
CA GLU F 47 3.06 20.71 28.26
C GLU F 47 3.78 21.05 29.56
N ASN F 48 4.35 20.03 30.19
CA ASN F 48 5.29 20.24 31.27
C ASN F 48 6.46 21.05 30.72
N LYS F 49 6.86 20.76 29.47
CA LYS F 49 7.86 21.55 28.74
C LYS F 49 7.24 22.67 27.91
#